data_5IEQ
#
_entry.id   5IEQ
#
_cell.length_a   69.370
_cell.length_b   69.370
_cell.length_c   397.740
_cell.angle_alpha   90.000
_cell.angle_beta   90.000
_cell.angle_gamma   120.000
#
_symmetry.space_group_name_H-M   'P 65 2 2'
#
loop_
_entity.id
_entity.type
_entity.pdbx_description
1 polymer 'Polymerase acidic protein'
2 non-polymer 1-(4-CHLOROPHENYL)-1H-IMIDAZOLE
3 non-polymer 'DIMETHYL SULFOXIDE'
4 water water
#
_entity_poly.entity_id   1
_entity_poly.type   'polypeptide(L)'
_entity_poly.pdbx_seq_one_letter_code
;GNARIEPFLKSTPRPLRLPDGPPCSQRSKFLLMDALKLSIEDPSHEGEGIPLYDAIKCMRTFFGWKEPNVVKPHEKGINP
NYLLSWKQVLAELQDIENEEKIPRTKNMKKTSQLKWALGENMAPEKVDFDDCKDVGDLKQYDSDEPELRSLASWIQNEFN
KACELTDSSWIELDEIGEDAAPIEHIASMRRNYFTAEVSHCRATEYIMKGVYINTALLNASCAAMDDFQLIPMISKCRTK
EGRRKTNLYGFIIKGRSHLRNDTDVVNFVSMEFSLTDPRLEPHKWEKYCVLEVGDMLLRSAIGHVSRPMFLYVRTNGTSK
IKMKWGMEMRRCLLQSLQQIESMIEAESSVKEKDMTKEFFENKSETWPVGESPKGVEEGSIGKVCRTLLAKSVFNSLYAS
PQLEGFSAESRKLLLIVQALRDNLEPGTFDLGGLYEAIEECLINDPWVLLNASWFNSFLTHALR
;
_entity_poly.pdbx_strand_id   A
#
# COMPACT_ATOMS: atom_id res chain seq x y z
N PRO A 13 28.15 0.15 -20.05
CA PRO A 13 28.05 -0.44 -21.38
C PRO A 13 26.96 -1.52 -21.49
N ARG A 14 27.07 -2.59 -20.68
CA ARG A 14 26.10 -3.66 -20.78
C ARG A 14 24.79 -3.27 -20.10
N PRO A 15 23.66 -3.80 -20.57
CA PRO A 15 22.44 -3.74 -19.76
C PRO A 15 22.57 -4.67 -18.56
N LEU A 16 21.87 -4.30 -17.49
CA LEU A 16 21.88 -5.13 -16.29
C LEU A 16 21.32 -6.52 -16.59
N ARG A 17 21.87 -7.52 -15.92
CA ARG A 17 21.41 -8.90 -16.08
C ARG A 17 20.35 -9.17 -15.02
N LEU A 18 19.13 -9.37 -15.46
CA LEU A 18 18.08 -9.74 -14.53
C LEU A 18 18.03 -11.26 -14.40
N PRO A 19 17.73 -11.77 -13.20
CA PRO A 19 17.78 -13.22 -12.99
C PRO A 19 16.65 -13.94 -13.71
N ASP A 20 16.92 -15.19 -14.06
CA ASP A 20 15.91 -16.11 -14.56
C ASP A 20 15.34 -16.91 -13.40
N GLY A 21 14.07 -17.29 -13.51
CA GLY A 21 13.43 -18.07 -12.48
C GLY A 21 11.92 -18.02 -12.56
N PRO A 22 11.26 -18.66 -11.61
CA PRO A 22 9.82 -18.52 -11.51
C PRO A 22 9.45 -17.08 -11.23
N PRO A 23 8.27 -16.63 -11.65
CA PRO A 23 7.88 -15.23 -11.46
C PRO A 23 7.93 -14.79 -10.00
N CYS A 24 8.33 -13.54 -9.77
CA CYS A 24 8.27 -12.97 -8.44
C CYS A 24 6.82 -12.88 -7.96
N SER A 25 6.66 -12.83 -6.64
CA SER A 25 5.35 -12.92 -6.00
C SER A 25 5.13 -11.72 -5.08
N GLN A 26 3.86 -11.50 -4.72
CA GLN A 26 3.51 -10.34 -3.89
C GLN A 26 4.11 -10.46 -2.49
N ARG A 27 4.65 -9.33 -2.01
CA ARG A 27 5.26 -9.30 -0.68
C ARG A 27 4.92 -8.03 0.08
N SER A 28 3.94 -7.25 -0.35
CA SER A 28 3.54 -6.09 0.42
C SER A 28 2.84 -6.52 1.71
N LYS A 29 2.75 -5.58 2.66
CA LYS A 29 2.10 -5.86 3.94
C LYS A 29 0.57 -5.91 3.83
N PHE A 30 -0.01 -5.31 2.80
CA PHE A 30 -1.44 -5.37 2.55
C PHE A 30 -1.64 -5.34 1.04
N LEU A 31 -2.85 -5.70 0.61
CA LEU A 31 -3.16 -5.66 -0.81
C LEU A 31 -3.09 -4.23 -1.34
N LEU A 32 -2.68 -4.10 -2.60
CA LEU A 32 -2.56 -2.81 -3.27
C LEU A 32 -3.67 -2.73 -4.32
N MET A 33 -3.38 -2.96 -5.61
CA MET A 33 -4.43 -2.85 -6.64
C MET A 33 -5.58 -3.82 -6.41
N ASP A 34 -5.37 -4.94 -5.71
CA ASP A 34 -6.40 -5.94 -5.59
C ASP A 34 -7.33 -5.74 -4.41
N ALA A 35 -7.12 -4.69 -3.60
CA ALA A 35 -7.96 -4.50 -2.41
C ALA A 35 -9.41 -4.26 -2.80
N LEU A 36 -10.29 -4.45 -1.82
CA LEU A 36 -11.71 -4.21 -1.98
C LEU A 36 -12.24 -3.63 -0.67
N LYS A 37 -13.07 -2.61 -0.78
CA LYS A 37 -13.60 -1.89 0.38
C LYS A 37 -15.09 -2.19 0.55
N LEU A 38 -15.50 -2.47 1.77
CA LEU A 38 -16.88 -2.32 2.21
C LEU A 38 -16.97 -0.99 2.96
N SER A 39 -17.89 -0.13 2.54
CA SER A 39 -17.89 1.26 3.00
C SER A 39 -19.25 1.69 3.53
N ILE A 40 -19.21 2.63 4.47
CA ILE A 40 -20.39 3.33 4.96
C ILE A 40 -20.22 4.82 4.69
N GLU A 41 -21.29 5.47 4.27
CA GLU A 41 -21.28 6.90 3.98
C GLU A 41 -21.72 7.66 5.22
N ASP A 42 -21.33 8.95 5.28
CA ASP A 42 -21.61 9.92 6.34
C ASP A 42 -21.90 9.25 7.69
N PRO A 43 -20.99 8.42 8.20
CA PRO A 43 -21.34 7.54 9.33
C PRO A 43 -21.83 8.30 10.54
N SER A 44 -22.89 7.76 11.18
CA SER A 44 -23.46 8.43 12.34
C SER A 44 -23.98 7.47 13.42
N HIS A 45 -23.55 6.21 13.42
CA HIS A 45 -24.04 5.27 14.43
C HIS A 45 -23.44 5.61 15.79
N GLU A 46 -23.98 4.97 16.83
CA GLU A 46 -23.46 5.17 18.19
C GLU A 46 -22.01 4.71 18.26
N GLY A 47 -21.16 5.53 18.87
CA GLY A 47 -19.74 5.23 18.94
C GLY A 47 -19.02 5.35 17.62
N GLU A 48 -19.50 6.20 16.72
CA GLU A 48 -18.84 6.41 15.43
C GLU A 48 -17.41 6.88 15.64
N GLY A 49 -16.47 6.23 14.94
CA GLY A 49 -15.06 6.54 15.08
C GLY A 49 -14.26 5.51 15.85
N ILE A 50 -14.92 4.56 16.51
CA ILE A 50 -14.23 3.44 17.14
C ILE A 50 -14.06 2.33 16.10
N PRO A 51 -12.83 1.89 15.82
CA PRO A 51 -12.60 0.98 14.67
C PRO A 51 -13.53 -0.22 14.64
N LEU A 52 -13.73 -0.87 15.78
CA LEU A 52 -14.50 -2.10 15.78
C LEU A 52 -15.96 -1.84 15.43
N TYR A 53 -16.51 -0.71 15.90
CA TYR A 53 -17.89 -0.37 15.57
C TYR A 53 -18.04 -0.08 14.09
N ASP A 54 -17.14 0.74 13.53
CA ASP A 54 -17.14 0.99 12.09
C ASP A 54 -17.03 -0.30 11.30
N ALA A 55 -16.14 -1.20 11.73
CA ALA A 55 -15.97 -2.46 10.98
C ALA A 55 -17.27 -3.23 10.88
N ILE A 56 -17.98 -3.37 12.00
CA ILE A 56 -19.21 -4.17 12.02
C ILE A 56 -20.27 -3.53 11.12
N LYS A 57 -20.42 -2.21 11.21
CA LYS A 57 -21.34 -1.51 10.32
C LYS A 57 -20.95 -1.72 8.86
N CYS A 58 -19.65 -1.68 8.55
CA CYS A 58 -19.21 -1.97 7.19
C CYS A 58 -19.55 -3.40 6.80
N MET A 59 -19.25 -4.36 7.70
CA MET A 59 -19.57 -5.76 7.42
C MET A 59 -21.06 -5.93 7.13
N ARG A 60 -21.91 -5.20 7.84
CA ARG A 60 -23.35 -5.37 7.72
C ARG A 60 -23.94 -4.60 6.54
N THR A 61 -23.14 -3.88 5.77
CA THR A 61 -23.64 -3.37 4.50
C THR A 61 -23.68 -4.46 3.43
N PHE A 62 -23.01 -5.58 3.65
CA PHE A 62 -22.88 -6.63 2.64
C PHE A 62 -23.77 -7.80 3.02
N PHE A 63 -24.60 -8.24 2.07
CA PHE A 63 -25.56 -9.32 2.32
C PHE A 63 -25.30 -10.53 1.44
N GLY A 64 -24.10 -10.64 0.88
CA GLY A 64 -23.83 -11.71 -0.04
C GLY A 64 -22.87 -12.76 0.50
N TRP A 65 -22.65 -12.79 1.81
CA TRP A 65 -21.79 -13.78 2.43
C TRP A 65 -22.32 -15.19 2.14
N LYS A 66 -21.42 -16.16 2.17
CA LYS A 66 -21.80 -17.55 1.99
C LYS A 66 -20.76 -18.41 2.67
N GLU A 67 -21.06 -19.70 2.79
CA GLU A 67 -20.13 -20.65 3.38
C GLU A 67 -18.78 -20.54 2.68
N PRO A 68 -17.71 -20.20 3.38
CA PRO A 68 -16.41 -20.00 2.71
C PRO A 68 -15.72 -21.31 2.40
N ASN A 69 -14.88 -21.27 1.35
CA ASN A 69 -14.09 -22.42 0.93
C ASN A 69 -12.79 -21.91 0.33
N VAL A 70 -11.76 -22.74 0.43
CA VAL A 70 -10.45 -22.48 -0.17
C VAL A 70 -10.57 -22.62 -1.68
N VAL A 71 -10.20 -21.59 -2.43
CA VAL A 71 -10.09 -21.70 -3.89
C VAL A 71 -8.66 -21.60 -4.39
N LYS A 72 -7.71 -21.18 -3.57
CA LYS A 72 -6.30 -21.18 -3.98
C LYS A 72 -5.49 -21.48 -2.74
N PRO A 73 -5.06 -22.74 -2.56
CA PRO A 73 -4.38 -23.09 -1.31
C PRO A 73 -3.00 -22.48 -1.22
N HIS A 74 -2.59 -22.20 0.02
CA HIS A 74 -1.20 -21.85 0.30
C HIS A 74 -0.37 -23.13 0.28
N GLU A 75 0.60 -23.19 -0.63
CA GLU A 75 1.29 -24.46 -0.83
C GLU A 75 2.12 -24.87 0.38
N LYS A 76 2.61 -23.91 1.17
CA LYS A 76 3.44 -24.25 2.31
C LYS A 76 2.72 -24.12 3.65
N GLY A 77 1.41 -23.87 3.66
CA GLY A 77 0.69 -23.63 4.88
C GLY A 77 -0.34 -24.70 5.17
N ILE A 78 -0.99 -24.56 6.32
CA ILE A 78 -2.05 -25.48 6.74
C ILE A 78 -3.37 -24.79 6.39
N ASN A 79 -3.83 -25.06 5.16
CA ASN A 79 -5.03 -24.39 4.67
C ASN A 79 -6.29 -24.54 5.52
N PRO A 80 -6.58 -25.68 6.16
CA PRO A 80 -7.75 -25.72 7.03
C PRO A 80 -7.70 -24.71 8.17
N ASN A 81 -6.49 -24.35 8.63
CA ASN A 81 -6.37 -23.35 9.69
C ASN A 81 -6.70 -21.93 9.21
N TYR A 82 -6.35 -21.60 7.96
CA TYR A 82 -6.74 -20.29 7.47
C TYR A 82 -8.25 -20.19 7.35
N LEU A 83 -8.88 -21.28 6.89
CA LEU A 83 -10.34 -21.34 6.82
C LEU A 83 -10.97 -21.22 8.20
N LEU A 84 -10.48 -22.01 9.16
CA LEU A 84 -11.00 -21.93 10.53
C LEU A 84 -10.83 -20.52 11.09
N SER A 85 -9.71 -19.87 10.75
CA SER A 85 -9.45 -18.54 11.32
C SER A 85 -10.47 -17.50 10.84
N TRP A 86 -10.82 -17.54 9.55
CA TRP A 86 -11.81 -16.60 9.02
C TRP A 86 -13.20 -16.89 9.59
N LYS A 87 -13.59 -18.17 9.67
CA LYS A 87 -14.85 -18.50 10.32
C LYS A 87 -14.86 -18.07 11.79
N GLN A 88 -13.70 -18.11 12.45
CA GLN A 88 -13.63 -17.60 13.82
C GLN A 88 -13.86 -16.08 13.87
N VAL A 89 -13.27 -15.33 12.94
CA VAL A 89 -13.51 -13.89 12.91
C VAL A 89 -15.00 -13.60 12.81
N LEU A 90 -15.69 -14.26 11.88
CA LEU A 90 -17.12 -14.01 11.68
C LEU A 90 -17.92 -14.38 12.92
N ALA A 91 -17.60 -15.52 13.54
CA ALA A 91 -18.32 -15.93 14.75
C ALA A 91 -18.09 -14.95 15.88
N GLU A 92 -16.85 -14.49 16.07
CA GLU A 92 -16.58 -13.58 17.19
C GLU A 92 -17.14 -12.19 16.94
N LEU A 93 -17.20 -11.75 15.67
CA LEU A 93 -17.89 -10.50 15.38
C LEU A 93 -19.36 -10.61 15.72
N GLN A 94 -19.97 -11.76 15.43
CA GLN A 94 -21.36 -11.98 15.84
C GLN A 94 -21.52 -11.92 17.36
N ASP A 95 -20.57 -12.48 18.11
CA ASP A 95 -20.61 -12.35 19.56
C ASP A 95 -20.60 -10.89 19.99
N ILE A 96 -19.78 -10.06 19.34
CA ILE A 96 -19.75 -8.63 19.68
C ILE A 96 -21.10 -7.99 19.42
N GLU A 97 -21.75 -8.36 18.31
CA GLU A 97 -23.07 -7.84 17.99
C GLU A 97 -24.11 -8.17 19.06
N ASN A 98 -23.84 -9.16 19.91
CA ASN A 98 -24.79 -9.63 20.91
C ASN A 98 -24.54 -9.08 22.30
N GLU A 99 -23.32 -8.61 22.59
CA GLU A 99 -23.09 -7.84 23.80
C GLU A 99 -23.83 -6.50 23.71
N GLU A 100 -24.33 -6.04 24.87
CA GLU A 100 -25.17 -4.84 24.87
C GLU A 100 -24.38 -3.61 24.43
N LYS A 101 -23.23 -3.37 25.04
CA LYS A 101 -22.32 -2.32 24.63
C LYS A 101 -21.22 -2.93 23.77
N ILE A 102 -21.09 -2.45 22.54
CA ILE A 102 -19.98 -2.88 21.67
C ILE A 102 -18.68 -2.45 22.34
N PRO A 103 -17.81 -3.39 22.70
CA PRO A 103 -16.55 -3.00 23.36
C PRO A 103 -15.65 -2.26 22.38
N ARG A 104 -14.61 -1.65 22.95
CA ARG A 104 -13.69 -0.85 22.14
C ARG A 104 -12.74 -1.73 21.34
N THR A 105 -12.26 -2.83 21.93
CA THR A 105 -11.40 -3.77 21.25
C THR A 105 -11.92 -5.18 21.48
N LYS A 106 -11.43 -6.09 20.65
CA LYS A 106 -11.84 -7.50 20.66
C LYS A 106 -10.58 -8.34 20.62
N ASN A 107 -10.36 -9.13 21.68
CA ASN A 107 -9.29 -10.11 21.78
C ASN A 107 -9.84 -11.47 21.41
N MET A 108 -9.22 -12.13 20.43
CA MET A 108 -9.74 -13.39 19.90
C MET A 108 -9.40 -14.54 20.84
N LYS A 109 -10.26 -15.56 20.83
CA LYS A 109 -9.91 -16.81 21.51
C LYS A 109 -8.63 -17.37 20.92
N LYS A 110 -7.76 -17.89 21.79
CA LYS A 110 -6.48 -18.46 21.36
C LYS A 110 -6.70 -19.92 20.96
N THR A 111 -7.41 -20.07 19.84
CA THR A 111 -7.70 -21.38 19.25
C THR A 111 -6.44 -22.01 18.67
N SER A 112 -6.54 -23.31 18.35
CA SER A 112 -5.43 -24.00 17.74
CA SER A 112 -5.45 -24.03 17.72
C SER A 112 -5.07 -23.39 16.39
N GLN A 113 -6.08 -23.04 15.57
CA GLN A 113 -5.75 -22.49 14.25
C GLN A 113 -5.01 -21.16 14.37
N LEU A 114 -5.38 -20.32 15.35
CA LEU A 114 -4.69 -19.03 15.51
C LEU A 114 -3.30 -19.20 16.10
N LYS A 115 -3.16 -20.11 17.07
CA LYS A 115 -1.83 -20.42 17.59
C LYS A 115 -0.90 -20.90 16.49
N TRP A 116 -1.40 -21.73 15.57
CA TRP A 116 -0.55 -22.14 14.44
C TRP A 116 -0.24 -20.95 13.56
N ALA A 117 -1.25 -20.18 13.18
CA ALA A 117 -1.06 -19.13 12.19
C ALA A 117 -0.17 -18.00 12.72
N LEU A 118 -0.21 -17.73 14.02
CA LEU A 118 0.61 -16.68 14.61
C LEU A 118 1.97 -17.19 15.09
N GLY A 119 2.32 -18.44 14.79
CA GLY A 119 3.65 -18.93 15.08
C GLY A 119 3.94 -19.16 16.55
N GLU A 120 2.93 -19.53 17.35
CA GLU A 120 3.11 -19.82 18.78
C GLU A 120 3.16 -21.31 19.08
N GLU A 147 16.18 -17.99 -3.35
CA GLU A 147 15.71 -18.45 -4.65
C GLU A 147 15.60 -17.28 -5.63
N LEU A 148 16.23 -17.43 -6.79
CA LEU A 148 16.13 -16.42 -7.83
C LEU A 148 14.73 -16.37 -8.41
N ARG A 149 14.21 -15.17 -8.63
N ARG A 149 14.21 -15.16 -8.60
CA ARG A 149 12.90 -14.99 -9.23
CA ARG A 149 12.92 -14.95 -9.23
C ARG A 149 13.01 -13.96 -10.35
C ARG A 149 13.07 -13.98 -10.40
N SER A 150 12.27 -14.19 -11.43
CA SER A 150 12.25 -13.30 -12.58
C SER A 150 11.17 -12.23 -12.43
N LEU A 151 11.29 -11.18 -13.23
CA LEU A 151 10.33 -10.11 -13.23
C LEU A 151 9.01 -10.57 -13.83
N ALA A 152 7.92 -10.42 -13.08
CA ALA A 152 6.58 -10.66 -13.59
C ALA A 152 5.89 -9.33 -13.90
N SER A 153 4.93 -9.37 -14.82
CA SER A 153 4.28 -8.14 -15.25
C SER A 153 3.38 -7.51 -14.18
N TRP A 154 3.04 -8.24 -13.10
CA TRP A 154 2.09 -7.66 -12.15
C TRP A 154 2.66 -6.44 -11.42
N ILE A 155 3.99 -6.33 -11.24
CA ILE A 155 4.44 -5.21 -10.41
C ILE A 155 4.40 -3.90 -11.18
N GLN A 156 4.68 -3.92 -12.49
CA GLN A 156 4.49 -2.72 -13.29
C GLN A 156 3.02 -2.30 -13.31
N ASN A 157 2.11 -3.29 -13.38
CA ASN A 157 0.68 -3.00 -13.32
C ASN A 157 0.30 -2.38 -11.96
N GLU A 158 0.81 -2.94 -10.86
CA GLU A 158 0.64 -2.29 -9.55
C GLU A 158 1.09 -0.84 -9.61
N PHE A 159 2.25 -0.59 -10.25
CA PHE A 159 2.75 0.77 -10.24
C PHE A 159 1.88 1.70 -11.07
N ASN A 160 1.43 1.24 -12.25
CA ASN A 160 0.50 2.04 -13.04
C ASN A 160 -0.77 2.35 -12.26
N LYS A 161 -1.31 1.34 -11.56
CA LYS A 161 -2.50 1.58 -10.75
C LYS A 161 -2.24 2.65 -9.68
N ALA A 162 -1.06 2.66 -9.10
CA ALA A 162 -0.78 3.59 -8.01
C ALA A 162 -0.71 5.05 -8.49
N CYS A 163 -0.36 5.28 -9.77
CA CYS A 163 -0.32 6.63 -10.31
C CYS A 163 -1.70 7.17 -10.67
N GLU A 164 -2.71 6.31 -10.76
CA GLU A 164 -4.03 6.72 -11.21
C GLU A 164 -4.73 7.60 -10.18
N LEU A 165 -5.72 8.35 -10.66
CA LEU A 165 -6.63 9.09 -9.80
C LEU A 165 -7.81 8.20 -9.41
N THR A 166 -8.29 8.37 -8.19
CA THR A 166 -9.52 7.72 -7.73
C THR A 166 -10.65 8.75 -7.70
N ASP A 167 -11.86 8.30 -7.40
CA ASP A 167 -12.96 9.26 -7.35
C ASP A 167 -13.13 9.89 -5.97
N SER A 168 -12.18 9.71 -5.05
CA SER A 168 -12.30 10.22 -3.69
C SER A 168 -11.01 10.92 -3.28
N SER A 169 -11.10 11.84 -2.32
CA SER A 169 -9.93 12.50 -1.78
C SER A 169 -9.53 11.85 -0.47
N TRP A 170 -8.22 11.69 -0.27
CA TRP A 170 -7.68 10.92 0.83
C TRP A 170 -6.96 11.75 1.87
N ILE A 171 -6.77 13.04 1.62
CA ILE A 171 -6.10 13.93 2.56
C ILE A 171 -6.81 15.27 2.56
N GLU A 172 -6.55 16.05 3.61
CA GLU A 172 -7.09 17.40 3.74
C GLU A 172 -6.21 18.39 2.97
N LEU A 173 -6.74 19.59 2.77
CA LEU A 173 -6.02 20.59 1.98
C LEU A 173 -4.70 20.99 2.64
N ASP A 174 -4.66 21.03 3.97
CA ASP A 174 -3.43 21.40 4.67
C ASP A 174 -2.68 20.18 5.19
N GLU A 175 -2.78 19.05 4.48
CA GLU A 175 -2.21 17.81 4.99
C GLU A 175 -0.68 17.84 4.97
N ILE A 176 -0.11 18.44 3.95
CA ILE A 176 1.31 18.26 3.68
C ILE A 176 2.10 19.33 4.43
N GLY A 177 3.18 18.90 5.05
CA GLY A 177 4.01 19.81 5.82
C GLY A 177 3.71 19.73 7.32
N GLU A 178 4.70 20.14 8.10
CA GLU A 178 4.61 20.22 9.55
C GLU A 178 5.27 21.50 10.03
N ASP A 179 5.09 22.59 9.31
CA ASP A 179 5.75 23.83 9.65
C ASP A 179 5.18 24.44 10.92
N ALA A 180 6.05 25.07 11.70
CA ALA A 180 5.64 25.68 12.96
C ALA A 180 4.95 27.03 12.72
N ALA A 181 5.37 27.74 11.69
CA ALA A 181 4.93 29.08 11.34
C ALA A 181 4.13 29.05 10.03
N PRO A 182 3.29 30.06 9.80
CA PRO A 182 2.59 30.14 8.52
C PRO A 182 3.57 30.18 7.35
N ILE A 183 3.19 29.54 6.28
CA ILE A 183 4.10 29.39 5.14
C ILE A 183 3.97 30.60 4.22
N GLU A 184 5.07 30.91 3.55
CA GLU A 184 5.15 31.98 2.57
C GLU A 184 4.13 31.80 1.45
N HIS A 185 4.01 32.84 0.62
CA HIS A 185 3.04 32.81 -0.48
C HIS A 185 3.43 31.78 -1.54
N ILE A 186 4.70 31.77 -1.95
CA ILE A 186 5.10 30.90 -3.04
C ILE A 186 5.05 29.44 -2.60
N ALA A 187 5.55 29.16 -1.40
CA ALA A 187 5.46 27.82 -0.84
C ALA A 187 3.99 27.37 -0.75
N SER A 188 3.12 28.26 -0.26
CA SER A 188 1.70 27.92 -0.18
C SER A 188 1.12 27.62 -1.56
N MET A 189 1.43 28.47 -2.54
CA MET A 189 0.94 28.27 -3.90
C MET A 189 1.38 26.92 -4.44
N ARG A 190 2.67 26.61 -4.30
CA ARG A 190 3.19 25.32 -4.76
C ARG A 190 2.51 24.17 -4.04
N ARG A 191 2.30 24.29 -2.72
CA ARG A 191 1.69 23.20 -1.97
C ARG A 191 0.26 22.97 -2.43
N ASN A 192 -0.48 24.05 -2.68
CA ASN A 192 -1.88 23.91 -3.08
C ASN A 192 -2.01 23.34 -4.48
N TYR A 193 -1.12 23.74 -5.39
CA TYR A 193 -1.07 23.12 -6.72
C TYR A 193 -0.84 21.61 -6.60
N PHE A 194 0.23 21.23 -5.91
CA PHE A 194 0.61 19.83 -5.77
C PHE A 194 -0.51 19.02 -5.12
N THR A 195 -1.04 19.54 -4.01
CA THR A 195 -2.11 18.83 -3.29
C THR A 195 -3.31 18.56 -4.19
N ALA A 196 -3.71 19.54 -5.01
CA ALA A 196 -4.82 19.31 -5.92
C ALA A 196 -4.53 18.14 -6.87
N GLU A 197 -3.25 17.94 -7.21
CA GLU A 197 -2.89 16.86 -8.13
C GLU A 197 -2.78 15.48 -7.46
N VAL A 198 -2.53 15.40 -6.15
CA VAL A 198 -2.32 14.10 -5.52
C VAL A 198 -3.35 13.74 -4.45
N SER A 199 -4.23 14.67 -4.07
CA SER A 199 -5.20 14.38 -3.02
C SER A 199 -6.07 13.17 -3.36
N HIS A 200 -6.41 12.97 -4.63
CA HIS A 200 -7.23 11.84 -5.05
C HIS A 200 -6.41 10.67 -5.57
N CYS A 201 -5.08 10.79 -5.59
CA CYS A 201 -4.23 9.75 -6.15
C CYS A 201 -4.32 8.45 -5.35
N ARG A 202 -4.30 7.32 -6.06
CA ARG A 202 -4.37 6.01 -5.42
C ARG A 202 -3.19 5.77 -4.49
N ALA A 203 -1.99 6.20 -4.88
CA ALA A 203 -0.84 6.13 -3.98
C ALA A 203 -1.13 6.83 -2.65
N THR A 204 -1.95 7.89 -2.69
CA THR A 204 -2.32 8.58 -1.45
C THR A 204 -3.29 7.76 -0.62
N GLU A 205 -4.17 6.98 -1.26
CA GLU A 205 -4.96 6.03 -0.49
C GLU A 205 -4.05 5.02 0.20
N TYR A 206 -3.01 4.55 -0.50
CA TYR A 206 -2.08 3.58 0.10
C TYR A 206 -1.37 4.17 1.31
N ILE A 207 -0.97 5.44 1.21
CA ILE A 207 -0.36 6.13 2.36
C ILE A 207 -1.27 6.06 3.57
N MET A 208 -2.52 6.52 3.40
CA MET A 208 -3.40 6.66 4.55
C MET A 208 -3.86 5.29 5.06
N LYS A 209 -4.09 4.35 4.13
CA LYS A 209 -4.28 2.96 4.51
C LYS A 209 -3.11 2.46 5.35
N GLY A 210 -1.87 2.74 4.89
CA GLY A 210 -0.71 2.29 5.61
C GLY A 210 -0.53 2.98 6.95
N VAL A 211 -0.78 4.28 7.01
CA VAL A 211 -0.64 5.00 8.27
C VAL A 211 -1.64 4.44 9.28
N TYR A 212 -2.88 4.23 8.85
CA TYR A 212 -3.90 3.74 9.77
CA TYR A 212 -3.91 3.74 9.76
C TYR A 212 -3.54 2.37 10.32
N ILE A 213 -3.18 1.42 9.45
CA ILE A 213 -3.01 0.05 9.98
C ILE A 213 -1.72 -0.05 10.78
N ASN A 214 -0.65 0.68 10.42
CA ASN A 214 0.55 0.63 11.26
C ASN A 214 0.30 1.31 12.61
N THR A 215 -0.43 2.43 12.61
CA THR A 215 -0.78 3.08 13.88
C THR A 215 -1.58 2.13 14.78
N ALA A 216 -2.57 1.45 14.22
CA ALA A 216 -3.42 0.59 15.06
C ALA A 216 -2.65 -0.63 15.55
N LEU A 217 -1.81 -1.21 14.70
CA LEU A 217 -1.00 -2.36 15.14
C LEU A 217 0.05 -1.97 16.16
N LEU A 218 0.75 -0.84 15.95
CA LEU A 218 1.76 -0.42 16.91
C LEU A 218 1.11 -0.10 18.25
N ASN A 219 -0.07 0.53 18.22
CA ASN A 219 -0.75 0.83 19.47
C ASN A 219 -1.17 -0.45 20.17
N ALA A 220 -1.75 -1.40 19.42
CA ALA A 220 -2.18 -2.65 20.03
C ALA A 220 -1.00 -3.43 20.57
N SER A 221 0.15 -3.33 19.90
CA SER A 221 1.31 -4.12 20.30
C SER A 221 1.80 -3.75 21.69
N CYS A 222 1.61 -2.51 22.13
CA CYS A 222 1.94 -2.21 23.52
C CYS A 222 0.72 -2.18 24.43
N ALA A 223 -0.47 -1.88 23.93
CA ALA A 223 -1.63 -1.86 24.82
C ALA A 223 -2.20 -3.25 25.13
N ALA A 224 -1.92 -4.26 24.31
CA ALA A 224 -2.50 -5.59 24.48
C ALA A 224 -1.46 -6.66 24.14
N MET A 225 -0.38 -6.70 24.92
CA MET A 225 0.80 -7.45 24.54
C MET A 225 0.52 -8.95 24.42
N ASP A 226 -0.35 -9.48 25.28
CA ASP A 226 -0.60 -10.91 25.33
C ASP A 226 -1.82 -11.36 24.54
N ASP A 227 -2.61 -10.43 23.99
CA ASP A 227 -3.86 -10.76 23.34
C ASP A 227 -3.69 -10.95 21.83
N PHE A 228 -4.46 -11.90 21.26
CA PHE A 228 -4.64 -12.02 19.80
C PHE A 228 -5.71 -11.01 19.42
N GLN A 229 -5.33 -9.75 19.31
CA GLN A 229 -6.34 -8.73 19.10
C GLN A 229 -6.76 -8.67 17.64
N LEU A 230 -8.07 -8.56 17.41
CA LEU A 230 -8.65 -8.38 16.09
C LEU A 230 -8.59 -6.91 15.71
N ILE A 231 -7.93 -6.60 14.59
CA ILE A 231 -7.67 -5.20 14.24
C ILE A 231 -8.22 -4.88 12.86
N PRO A 232 -9.32 -4.13 12.76
CA PRO A 232 -9.85 -3.78 11.43
C PRO A 232 -8.84 -2.96 10.63
N MET A 233 -8.86 -3.17 9.32
CA MET A 233 -8.10 -2.39 8.35
C MET A 233 -9.06 -1.35 7.78
N ILE A 234 -8.85 -0.10 8.17
CA ILE A 234 -9.76 1.01 7.92
CA ILE A 234 -9.78 0.97 7.85
C ILE A 234 -9.04 2.11 7.15
N SER A 235 -9.79 2.85 6.32
CA SER A 235 -9.33 4.11 5.76
C SER A 235 -10.54 5.05 5.71
N LYS A 236 -10.25 6.33 5.52
CA LYS A 236 -11.32 7.32 5.38
C LYS A 236 -11.04 8.20 4.17
N CYS A 237 -12.11 8.60 3.50
CA CYS A 237 -11.99 9.45 2.34
C CYS A 237 -13.23 10.34 2.27
N ARG A 238 -13.20 11.28 1.33
CA ARG A 238 -14.32 12.15 1.04
C ARG A 238 -14.67 12.02 -0.44
N THR A 239 -15.95 11.79 -0.71
CA THR A 239 -16.45 11.64 -2.07
C THR A 239 -16.37 12.97 -2.82
N LYS A 240 -16.51 12.90 -4.15
CA LYS A 240 -16.52 14.13 -4.95
C LYS A 240 -17.62 15.08 -4.49
N GLU A 241 -18.74 14.54 -4.01
CA GLU A 241 -19.83 15.33 -3.48
C GLU A 241 -19.56 15.86 -2.06
N GLY A 242 -18.40 15.59 -1.50
CA GLY A 242 -18.07 16.06 -0.17
C GLY A 242 -18.50 15.16 0.96
N ARG A 243 -19.06 13.99 0.66
CA ARG A 243 -19.52 13.07 1.69
C ARG A 243 -18.34 12.33 2.32
N ARG A 244 -18.35 12.23 3.65
CA ARG A 244 -17.35 11.47 4.39
C ARG A 244 -17.69 9.98 4.31
N LYS A 245 -16.68 9.16 4.00
CA LYS A 245 -16.86 7.71 3.87
C LYS A 245 -15.84 6.99 4.73
N THR A 246 -16.28 5.90 5.38
CA THR A 246 -15.41 5.03 6.16
C THR A 246 -15.32 3.67 5.45
N ASN A 247 -14.10 3.16 5.28
CA ASN A 247 -13.86 1.98 4.44
C ASN A 247 -13.22 0.86 5.24
N LEU A 248 -13.69 -0.37 5.01
CA LEU A 248 -13.10 -1.57 5.60
C LEU A 248 -12.51 -2.44 4.50
N TYR A 249 -11.21 -2.75 4.62
CA TYR A 249 -10.49 -3.60 3.68
C TYR A 249 -10.44 -5.07 4.09
N GLY A 250 -10.56 -5.33 5.36
CA GLY A 250 -10.33 -6.64 5.95
C GLY A 250 -9.91 -6.46 7.40
N PHE A 251 -9.19 -7.44 7.91
CA PHE A 251 -8.78 -7.49 9.30
C PHE A 251 -7.36 -8.04 9.38
N ILE A 252 -6.63 -7.64 10.41
CA ILE A 252 -5.48 -8.43 10.84
C ILE A 252 -5.73 -8.91 12.27
N ILE A 253 -5.11 -10.04 12.60
CA ILE A 253 -5.07 -10.53 13.98
C ILE A 253 -3.61 -10.53 14.38
N LYS A 254 -3.29 -9.82 15.46
CA LYS A 254 -1.90 -9.78 15.91
C LYS A 254 -1.62 -10.92 16.85
N GLY A 255 -0.37 -11.37 16.86
CA GLY A 255 0.08 -12.34 17.84
C GLY A 255 0.57 -11.67 19.11
N ARG A 256 1.22 -12.46 19.95
CA ARG A 256 1.90 -11.95 21.13
C ARG A 256 2.96 -10.92 20.74
N SER A 257 3.03 -9.82 21.51
CA SER A 257 3.88 -8.71 21.12
C SER A 257 4.52 -8.08 22.35
N HIS A 258 5.56 -8.74 22.88
CA HIS A 258 6.44 -8.13 23.88
C HIS A 258 7.65 -7.57 23.14
N LEU A 259 7.49 -6.38 22.60
CA LEU A 259 8.51 -5.77 21.74
C LEU A 259 9.46 -4.95 22.60
N ARG A 260 10.53 -5.61 23.06
CA ARG A 260 11.50 -4.95 23.92
C ARG A 260 12.42 -4.01 23.14
N ASN A 261 12.58 -4.21 21.83
CA ASN A 261 13.46 -3.36 21.03
C ASN A 261 12.86 -3.18 19.64
N ASP A 262 13.54 -2.34 18.84
CA ASP A 262 13.00 -1.89 17.57
C ASP A 262 12.88 -3.01 16.54
N THR A 263 13.72 -4.05 16.63
CA THR A 263 13.75 -5.12 15.64
C THR A 263 12.96 -6.36 16.06
N ASP A 264 12.40 -6.39 17.27
CA ASP A 264 11.54 -7.49 17.69
C ASP A 264 10.32 -7.60 16.78
N VAL A 265 9.96 -8.82 16.41
CA VAL A 265 8.88 -9.07 15.45
C VAL A 265 7.59 -9.38 16.18
N VAL A 266 6.50 -8.75 15.74
CA VAL A 266 5.16 -9.23 16.06
C VAL A 266 4.59 -9.86 14.80
N ASN A 267 4.15 -11.10 14.91
CA ASN A 267 3.48 -11.81 13.84
C ASN A 267 2.02 -11.37 13.76
N PHE A 268 1.46 -11.48 12.55
CA PHE A 268 0.03 -11.27 12.40
C PHE A 268 -0.46 -12.09 11.23
N VAL A 269 -1.78 -12.24 11.17
CA VAL A 269 -2.50 -12.84 10.05
C VAL A 269 -3.37 -11.77 9.42
N SER A 270 -3.20 -11.55 8.12
CA SER A 270 -4.03 -10.58 7.42
C SER A 270 -5.12 -11.32 6.65
N MET A 271 -6.31 -10.72 6.60
CA MET A 271 -7.45 -11.29 5.90
C MET A 271 -8.10 -10.15 5.12
N GLU A 272 -8.04 -10.19 3.80
CA GLU A 272 -8.31 -8.98 3.00
C GLU A 272 -9.28 -9.27 1.88
N PHE A 273 -10.33 -8.45 1.77
CA PHE A 273 -11.32 -8.67 0.73
C PHE A 273 -10.72 -8.40 -0.64
N SER A 274 -11.27 -9.06 -1.66
CA SER A 274 -10.84 -8.75 -3.01
C SER A 274 -11.84 -9.32 -4.01
N LEU A 275 -11.95 -8.65 -5.17
CA LEU A 275 -12.63 -9.20 -6.35
C LEU A 275 -11.66 -9.91 -7.30
N THR A 276 -10.36 -9.88 -7.03
CA THR A 276 -9.38 -10.51 -7.90
C THR A 276 -9.41 -12.02 -7.73
N ASP A 277 -9.68 -12.72 -8.82
CA ASP A 277 -9.59 -14.18 -8.81
C ASP A 277 -8.12 -14.59 -8.80
N PRO A 278 -7.64 -15.27 -7.76
CA PRO A 278 -6.21 -15.58 -7.68
C PRO A 278 -5.74 -16.63 -8.68
N ARG A 279 -6.67 -17.33 -9.33
CA ARG A 279 -6.27 -18.34 -10.30
C ARG A 279 -5.85 -17.71 -11.63
N LEU A 280 -6.07 -16.41 -11.83
CA LEU A 280 -5.60 -15.76 -13.06
C LEU A 280 -4.09 -15.52 -13.03
N GLU A 281 -3.52 -15.23 -11.87
CA GLU A 281 -2.08 -14.99 -11.73
C GLU A 281 -1.56 -15.69 -10.48
N PRO A 282 -1.58 -17.04 -10.46
CA PRO A 282 -1.29 -17.72 -9.18
C PRO A 282 0.10 -17.45 -8.65
N HIS A 283 1.09 -17.25 -9.52
CA HIS A 283 2.43 -16.92 -9.04
C HIS A 283 2.45 -15.66 -8.19
N LYS A 284 1.52 -14.73 -8.42
CA LYS A 284 1.52 -13.52 -7.58
C LYS A 284 1.20 -13.86 -6.13
N TRP A 285 0.44 -14.94 -5.90
CA TRP A 285 -0.19 -15.23 -4.61
C TRP A 285 0.45 -16.41 -3.88
N GLU A 286 1.73 -16.62 -4.13
CA GLU A 286 2.49 -17.73 -3.54
C GLU A 286 2.38 -17.76 -2.02
N LYS A 287 2.35 -16.60 -1.38
CA LYS A 287 2.39 -16.56 0.08
C LYS A 287 1.00 -16.67 0.72
N TYR A 288 -0.06 -16.77 -0.07
CA TYR A 288 -1.42 -16.60 0.42
C TYR A 288 -2.23 -17.90 0.30
N CYS A 289 -3.15 -18.07 1.24
CA CYS A 289 -4.31 -18.94 1.05
C CYS A 289 -5.47 -18.03 0.69
N VAL A 290 -6.21 -18.38 -0.36
CA VAL A 290 -7.27 -17.49 -0.86
C VAL A 290 -8.60 -18.20 -0.73
N LEU A 291 -9.56 -17.54 -0.09
CA LEU A 291 -10.89 -18.11 0.14
C LEU A 291 -11.89 -17.42 -0.76
N GLU A 292 -12.97 -18.13 -1.08
CA GLU A 292 -14.15 -17.49 -1.68
C GLU A 292 -15.19 -17.36 -0.58
N VAL A 293 -15.60 -16.13 -0.27
CA VAL A 293 -16.40 -15.88 0.92
C VAL A 293 -17.76 -15.28 0.64
N GLY A 294 -18.05 -14.86 -0.59
CA GLY A 294 -19.35 -14.33 -0.87
C GLY A 294 -19.52 -14.01 -2.34
N ASP A 295 -20.63 -13.34 -2.65
CA ASP A 295 -20.89 -12.85 -4.00
C ASP A 295 -21.42 -11.44 -3.90
N MET A 296 -20.95 -10.57 -4.79
CA MET A 296 -21.26 -9.15 -4.71
C MET A 296 -21.95 -8.70 -5.99
N LEU A 297 -22.99 -7.89 -5.83
CA LEU A 297 -23.74 -7.34 -6.95
C LEU A 297 -23.12 -6.01 -7.34
N LEU A 298 -22.82 -5.84 -8.63
CA LEU A 298 -22.04 -4.70 -9.07
C LEU A 298 -22.64 -4.03 -10.32
N ARG A 299 -22.54 -2.69 -10.36
CA ARG A 299 -22.75 -1.96 -11.59
C ARG A 299 -21.50 -2.07 -12.47
N SER A 300 -21.71 -2.06 -13.78
CA SER A 300 -20.61 -2.23 -14.72
C SER A 300 -20.96 -1.56 -16.04
N ALA A 301 -20.17 -1.85 -17.09
CA ALA A 301 -20.50 -1.40 -18.43
C ALA A 301 -21.59 -2.26 -19.08
N ILE A 302 -21.89 -3.44 -18.54
CA ILE A 302 -23.21 -4.04 -18.71
C ILE A 302 -24.01 -3.53 -17.54
N GLY A 303 -25.21 -4.06 -17.33
CA GLY A 303 -25.96 -3.63 -16.16
C GLY A 303 -25.40 -4.21 -14.88
N HIS A 304 -26.28 -4.69 -14.02
CA HIS A 304 -25.85 -5.33 -12.79
C HIS A 304 -25.23 -6.69 -13.10
N VAL A 305 -24.10 -6.98 -12.46
CA VAL A 305 -23.48 -8.29 -12.53
C VAL A 305 -23.11 -8.74 -11.12
N SER A 306 -23.22 -10.05 -10.89
CA SER A 306 -22.78 -10.68 -9.65
C SER A 306 -21.39 -11.26 -9.86
N ARG A 307 -20.48 -10.93 -8.96
CA ARG A 307 -19.12 -11.43 -9.03
C ARG A 307 -18.72 -12.00 -7.68
N PRO A 308 -17.90 -13.04 -7.67
CA PRO A 308 -17.47 -13.62 -6.39
C PRO A 308 -16.53 -12.69 -5.64
N MET A 309 -16.67 -12.69 -4.32
CA MET A 309 -15.80 -11.96 -3.41
C MET A 309 -14.83 -12.93 -2.77
N PHE A 310 -13.55 -12.60 -2.79
CA PHE A 310 -12.52 -13.48 -2.25
C PHE A 310 -11.96 -12.90 -0.96
N LEU A 311 -11.24 -13.74 -0.21
CA LEU A 311 -10.52 -13.30 0.97
C LEU A 311 -9.09 -13.80 0.84
N TYR A 312 -8.14 -12.87 0.74
CA TYR A 312 -6.72 -13.18 0.68
C TYR A 312 -6.16 -13.26 2.11
N VAL A 313 -5.64 -14.43 2.48
CA VAL A 313 -5.16 -14.68 3.84
C VAL A 313 -3.67 -15.03 3.78
N ARG A 314 -2.87 -14.36 4.61
CA ARG A 314 -1.50 -14.83 4.80
C ARG A 314 -1.03 -14.55 6.21
N THR A 315 0.02 -15.25 6.61
CA THR A 315 0.77 -14.90 7.81
C THR A 315 1.91 -13.96 7.44
N ASN A 316 2.24 -13.08 8.38
CA ASN A 316 3.21 -12.02 8.12
C ASN A 316 3.75 -11.56 9.47
N GLY A 317 4.66 -10.59 9.42
CA GLY A 317 5.24 -10.03 10.63
C GLY A 317 5.78 -8.64 10.34
N THR A 318 5.97 -7.88 11.40
CA THR A 318 6.60 -6.57 11.30
C THR A 318 7.21 -6.26 12.67
N SER A 319 7.90 -5.13 12.75
CA SER A 319 8.62 -4.74 13.96
C SER A 319 8.30 -3.30 14.29
N LYS A 320 8.72 -2.88 15.49
CA LYS A 320 8.49 -1.52 15.94
C LYS A 320 9.05 -0.52 14.95
N ILE A 321 10.27 -0.75 14.48
CA ILE A 321 10.90 0.23 13.59
C ILE A 321 10.11 0.33 12.29
N LYS A 322 9.63 -0.81 11.77
CA LYS A 322 8.87 -0.78 10.52
C LYS A 322 7.50 -0.15 10.72
N MET A 323 6.88 -0.36 11.88
CA MET A 323 5.58 0.28 12.11
C MET A 323 5.73 1.78 12.28
N LYS A 324 6.84 2.22 12.87
CA LYS A 324 7.08 3.64 13.01
C LYS A 324 7.28 4.29 11.64
N TRP A 325 8.01 3.62 10.73
CA TRP A 325 8.09 4.11 9.36
C TRP A 325 6.71 4.12 8.70
N GLY A 326 5.92 3.05 8.90
CA GLY A 326 4.60 3.01 8.31
C GLY A 326 3.73 4.16 8.78
N MET A 327 3.85 4.53 10.05
CA MET A 327 3.14 5.69 10.59
C MET A 327 3.63 7.00 9.98
N GLU A 328 4.82 7.03 9.41
CA GLU A 328 5.36 8.23 8.78
C GLU A 328 5.11 8.30 7.26
N MET A 329 4.18 7.50 6.72
CA MET A 329 4.09 7.45 5.26
C MET A 329 3.62 8.77 4.64
N ARG A 330 3.03 9.68 5.42
CA ARG A 330 2.63 10.97 4.87
C ARG A 330 3.83 11.78 4.41
N ARG A 331 5.04 11.45 4.89
CA ARG A 331 6.24 12.12 4.41
C ARG A 331 6.54 11.83 2.95
N CYS A 332 5.95 10.77 2.40
CA CYS A 332 6.05 10.54 0.95
C CYS A 332 5.47 11.73 0.17
N LEU A 333 4.40 12.31 0.69
CA LEU A 333 3.82 13.50 0.08
C LEU A 333 4.79 14.66 0.11
N LEU A 334 5.45 14.87 1.26
CA LEU A 334 6.39 15.97 1.38
C LEU A 334 7.63 15.74 0.53
N GLN A 335 8.15 14.51 0.51
CA GLN A 335 9.34 14.22 -0.29
C GLN A 335 9.07 14.40 -1.79
N SER A 336 7.90 13.99 -2.26
CA SER A 336 7.60 14.18 -3.67
C SER A 336 7.27 15.64 -3.99
N LEU A 337 6.63 16.38 -3.08
CA LEU A 337 6.47 17.82 -3.26
C LEU A 337 7.83 18.51 -3.38
N GLN A 338 8.80 18.10 -2.55
CA GLN A 338 10.12 18.72 -2.60
C GLN A 338 10.84 18.41 -3.91
N GLN A 339 10.63 17.24 -4.48
CA GLN A 339 11.22 16.97 -5.79
C GLN A 339 10.62 17.88 -6.86
N ILE A 340 9.30 18.14 -6.79
CA ILE A 340 8.67 19.07 -7.72
C ILE A 340 9.21 20.48 -7.50
N GLU A 341 9.26 20.93 -6.23
CA GLU A 341 9.78 22.27 -5.95
C GLU A 341 11.21 22.43 -6.44
N SER A 342 11.99 21.36 -6.41
CA SER A 342 13.35 21.43 -6.93
C SER A 342 13.35 21.72 -8.43
N MET A 343 12.41 21.15 -9.17
CA MET A 343 12.36 21.41 -10.60
C MET A 343 11.89 22.84 -10.88
N ILE A 344 10.94 23.34 -10.09
CA ILE A 344 10.49 24.72 -10.25
C ILE A 344 11.63 25.69 -9.95
N GLU A 345 12.39 25.43 -8.88
CA GLU A 345 13.50 26.31 -8.52
C GLU A 345 14.60 26.30 -9.58
N ALA A 346 14.77 25.19 -10.30
CA ALA A 346 15.71 25.18 -11.42
C ALA A 346 15.23 26.12 -12.52
N GLU A 347 13.96 25.95 -12.94
CA GLU A 347 13.40 26.80 -13.99
C GLU A 347 13.37 28.27 -13.56
N SER A 348 13.13 28.53 -12.27
CA SER A 348 13.05 29.89 -11.78
C SER A 348 14.41 30.58 -11.75
N SER A 349 15.50 29.81 -11.69
CA SER A 349 16.82 30.41 -11.72
C SER A 349 17.25 30.74 -13.14
N VAL A 350 16.88 29.88 -14.10
CA VAL A 350 17.20 30.11 -15.50
C VAL A 350 16.38 31.27 -16.06
N LYS A 351 15.19 31.52 -15.51
CA LYS A 351 14.28 32.54 -16.03
C LYS A 351 14.16 33.75 -15.11
N GLU A 352 14.99 33.86 -14.07
CA GLU A 352 15.06 35.05 -13.21
C GLU A 352 13.69 35.50 -12.69
N LYS A 353 12.76 34.55 -12.59
CA LYS A 353 11.40 34.83 -12.13
C LYS A 353 10.83 33.55 -11.52
N ASP A 354 9.81 33.70 -10.68
CA ASP A 354 9.16 32.52 -10.10
C ASP A 354 8.31 31.82 -11.15
N MET A 355 8.65 30.57 -11.43
CA MET A 355 8.01 29.79 -12.47
C MET A 355 6.93 28.85 -11.94
N THR A 356 6.38 29.12 -10.76
CA THR A 356 5.42 28.20 -10.16
C THR A 356 4.18 28.05 -11.03
N LYS A 357 3.55 29.17 -11.40
CA LYS A 357 2.32 29.11 -12.19
C LYS A 357 2.58 28.50 -13.54
N GLU A 358 3.62 28.97 -14.24
CA GLU A 358 3.94 28.48 -15.57
C GLU A 358 4.23 26.98 -15.52
N PHE A 359 4.85 26.50 -14.45
CA PHE A 359 5.09 25.07 -14.30
C PHE A 359 3.78 24.30 -14.13
N PHE A 360 2.98 24.67 -13.12
CA PHE A 360 1.80 23.86 -12.82
C PHE A 360 0.69 24.02 -13.84
N GLU A 361 0.65 25.15 -14.55
CA GLU A 361 -0.36 25.33 -15.59
C GLU A 361 0.18 24.98 -16.97
N ASN A 362 1.43 24.52 -17.05
CA ASN A 362 2.04 24.03 -18.29
C ASN A 362 1.89 25.07 -19.40
N LYS A 363 2.65 26.17 -19.22
CA LYS A 363 2.55 27.34 -20.08
C LYS A 363 2.97 27.02 -21.52
N SER A 372 13.18 26.32 -23.52
CA SER A 372 12.04 26.17 -22.62
C SER A 372 11.11 25.03 -23.07
N PRO A 373 10.54 24.29 -22.11
CA PRO A 373 9.78 23.08 -22.46
C PRO A 373 8.49 23.41 -23.20
N LYS A 374 8.16 22.54 -24.17
CA LYS A 374 6.95 22.62 -24.97
C LYS A 374 6.06 21.40 -24.77
N GLY A 375 6.07 20.84 -23.57
CA GLY A 375 5.26 19.67 -23.27
C GLY A 375 5.79 18.93 -22.06
N VAL A 376 5.04 17.89 -21.70
CA VAL A 376 5.33 17.09 -20.50
C VAL A 376 5.38 15.61 -20.90
N GLU A 377 6.57 15.00 -20.75
CA GLU A 377 6.81 13.66 -21.29
C GLU A 377 5.81 12.63 -20.75
N GLU A 378 5.55 12.65 -19.43
CA GLU A 378 4.55 11.78 -18.84
C GLU A 378 3.14 12.05 -19.34
N GLY A 379 2.91 13.14 -20.06
CA GLY A 379 1.59 13.48 -20.53
C GLY A 379 1.01 14.76 -19.92
N SER A 380 1.15 14.93 -18.60
CA SER A 380 0.66 16.12 -17.94
C SER A 380 1.46 16.37 -16.68
N ILE A 381 1.39 17.61 -16.18
CA ILE A 381 2.04 17.95 -14.91
C ILE A 381 1.46 17.12 -13.77
N GLY A 382 0.14 16.91 -13.77
CA GLY A 382 -0.47 16.09 -12.74
C GLY A 382 0.14 14.70 -12.67
N LYS A 383 0.40 14.10 -13.84
CA LYS A 383 0.96 12.76 -13.89
C LYS A 383 2.41 12.74 -13.42
N VAL A 384 3.17 13.81 -13.67
CA VAL A 384 4.51 13.91 -13.08
C VAL A 384 4.43 13.85 -11.56
N CYS A 385 3.56 14.68 -10.96
CA CYS A 385 3.38 14.68 -9.51
C CYS A 385 3.02 13.29 -8.99
N ARG A 386 2.05 12.64 -9.64
CA ARG A 386 1.57 11.35 -9.14
C ARG A 386 2.58 10.24 -9.40
N THR A 387 3.36 10.34 -10.47
CA THR A 387 4.44 9.38 -10.70
C THR A 387 5.52 9.50 -9.64
N LEU A 388 5.93 10.73 -9.34
CA LEU A 388 6.90 10.93 -8.26
C LEU A 388 6.37 10.42 -6.94
N LEU A 389 5.10 10.69 -6.63
CA LEU A 389 4.49 10.19 -5.40
C LEU A 389 4.45 8.67 -5.39
N ALA A 390 4.04 8.05 -6.49
CA ALA A 390 3.93 6.59 -6.49
C ALA A 390 5.28 5.92 -6.26
N LYS A 391 6.37 6.47 -6.84
CA LYS A 391 7.68 5.88 -6.61
C LYS A 391 8.09 6.02 -5.14
N SER A 392 7.86 7.19 -4.55
CA SER A 392 8.15 7.37 -3.13
C SER A 392 7.34 6.38 -2.29
N VAL A 393 6.05 6.24 -2.58
CA VAL A 393 5.21 5.33 -1.80
C VAL A 393 5.67 3.88 -1.98
N PHE A 394 5.95 3.48 -3.22
CA PHE A 394 6.38 2.10 -3.43
C PHE A 394 7.74 1.84 -2.79
N ASN A 395 8.63 2.85 -2.75
CA ASN A 395 9.88 2.73 -2.00
C ASN A 395 9.60 2.40 -0.54
N SER A 396 8.54 2.99 0.00
CA SER A 396 8.16 2.71 1.39
C SER A 396 7.47 1.34 1.50
N LEU A 397 6.46 1.09 0.66
CA LEU A 397 5.73 -0.17 0.72
C LEU A 397 6.65 -1.38 0.49
N TYR A 398 7.65 -1.23 -0.37
CA TYR A 398 8.56 -2.32 -0.72
C TYR A 398 9.99 -2.06 -0.25
N ALA A 399 10.16 -1.39 0.89
CA ALA A 399 11.50 -1.11 1.38
C ALA A 399 12.27 -2.40 1.62
N SER A 400 13.58 -2.35 1.43
CA SER A 400 14.43 -3.52 1.58
C SER A 400 15.89 -3.10 1.44
N PRO A 401 16.82 -3.93 1.93
CA PRO A 401 18.24 -3.67 1.65
C PRO A 401 18.59 -3.83 0.18
N GLN A 402 17.92 -4.72 -0.54
CA GLN A 402 18.12 -4.82 -1.99
C GLN A 402 17.80 -3.49 -2.67
N LEU A 403 16.75 -2.81 -2.21
CA LEU A 403 16.39 -1.53 -2.81
C LEU A 403 17.44 -0.47 -2.50
N GLU A 404 17.91 -0.43 -1.25
CA GLU A 404 18.92 0.55 -0.87
C GLU A 404 20.22 0.31 -1.61
N GLY A 405 20.63 -0.96 -1.74
CA GLY A 405 21.82 -1.25 -2.52
C GLY A 405 21.67 -0.86 -3.97
N PHE A 406 20.56 -1.28 -4.59
CA PHE A 406 20.35 -0.97 -6.00
C PHE A 406 20.28 0.54 -6.24
N SER A 407 19.68 1.29 -5.33
CA SER A 407 19.46 2.72 -5.58
C SER A 407 20.78 3.48 -5.61
N ALA A 408 21.69 3.17 -4.69
CA ALA A 408 22.96 3.88 -4.64
C ALA A 408 23.86 3.46 -5.78
N GLU A 409 24.04 2.14 -5.96
CA GLU A 409 25.00 1.66 -6.95
C GLU A 409 24.53 1.96 -8.37
N SER A 410 23.22 1.88 -8.63
CA SER A 410 22.73 2.20 -9.97
C SER A 410 22.85 3.69 -10.27
N ARG A 411 22.80 4.55 -9.25
CA ARG A 411 22.96 5.97 -9.51
C ARG A 411 24.38 6.32 -9.88
N LYS A 412 25.36 5.53 -9.39
CA LYS A 412 26.75 5.72 -9.78
C LYS A 412 26.96 5.33 -11.24
N LEU A 413 26.45 4.16 -11.64
CA LEU A 413 26.51 3.79 -13.04
C LEU A 413 25.75 4.80 -13.90
N LEU A 414 24.69 5.39 -13.36
CA LEU A 414 23.91 6.37 -14.11
C LEU A 414 24.78 7.55 -14.52
N LEU A 415 25.39 8.22 -13.54
CA LEU A 415 26.22 9.39 -13.83
C LEU A 415 27.33 9.05 -14.82
N ILE A 416 28.00 7.91 -14.61
CA ILE A 416 29.08 7.49 -15.49
C ILE A 416 28.58 7.36 -16.92
N VAL A 417 27.40 6.75 -17.10
CA VAL A 417 26.91 6.50 -18.45
C VAL A 417 26.46 7.80 -19.12
N GLN A 418 25.95 8.78 -18.36
CA GLN A 418 25.66 10.08 -18.97
C GLN A 418 26.94 10.77 -19.40
N ALA A 419 27.94 10.79 -18.51
CA ALA A 419 29.22 11.38 -18.85
C ALA A 419 29.80 10.77 -20.12
N LEU A 420 29.77 9.45 -20.24
CA LEU A 420 30.22 8.81 -21.48
C LEU A 420 29.28 9.14 -22.64
N ARG A 421 28.00 9.37 -22.35
CA ARG A 421 27.06 9.74 -23.41
C ARG A 421 27.28 11.16 -23.88
N ASP A 422 27.48 12.10 -22.95
CA ASP A 422 27.55 13.51 -23.31
C ASP A 422 28.86 13.86 -24.01
N ASN A 423 29.94 13.11 -23.76
CA ASN A 423 31.27 13.51 -24.21
C ASN A 423 31.90 12.49 -25.16
N LEU A 424 31.12 11.55 -25.68
CA LEU A 424 31.63 10.57 -26.65
C LEU A 424 30.54 10.10 -27.60
N GLY A 432 32.32 -4.37 -15.47
CA GLY A 432 33.24 -4.22 -14.36
C GLY A 432 32.73 -4.74 -13.04
N GLY A 433 33.19 -4.13 -11.95
CA GLY A 433 32.83 -4.53 -10.60
C GLY A 433 31.70 -3.71 -9.99
N LEU A 434 31.44 -2.53 -10.56
CA LEU A 434 30.22 -1.80 -10.20
C LEU A 434 28.99 -2.58 -10.59
N TYR A 435 29.03 -3.22 -11.76
CA TYR A 435 27.92 -4.07 -12.20
C TYR A 435 27.65 -5.20 -11.21
N GLU A 436 28.71 -5.74 -10.59
CA GLU A 436 28.51 -6.80 -9.61
C GLU A 436 27.82 -6.27 -8.37
N ALA A 437 28.18 -5.06 -7.93
CA ALA A 437 27.51 -4.46 -6.78
C ALA A 437 26.02 -4.29 -7.05
N ILE A 438 25.67 -3.83 -8.26
CA ILE A 438 24.26 -3.63 -8.60
C ILE A 438 23.55 -4.96 -8.72
N GLU A 439 24.10 -5.87 -9.54
CA GLU A 439 23.43 -7.14 -9.82
C GLU A 439 23.41 -8.08 -8.62
N GLU A 440 24.20 -7.80 -7.58
CA GLU A 440 24.05 -8.55 -6.33
C GLU A 440 22.72 -8.24 -5.64
N CYS A 441 22.04 -7.18 -6.04
CA CYS A 441 20.76 -6.79 -5.46
C CYS A 441 19.56 -7.24 -6.27
N LEU A 442 19.78 -7.95 -7.38
CA LEU A 442 18.71 -8.38 -8.29
C LEU A 442 18.48 -9.87 -8.09
N ILE A 443 17.77 -10.20 -7.00
CA ILE A 443 17.55 -11.60 -6.59
C ILE A 443 16.09 -12.00 -6.78
N ASN A 444 15.17 -11.36 -6.07
CA ASN A 444 13.78 -11.80 -6.14
C ASN A 444 12.77 -10.72 -5.77
N ASP A 445 13.21 -9.50 -5.52
CA ASP A 445 12.28 -8.48 -5.05
C ASP A 445 11.58 -7.84 -6.23
N PRO A 446 10.24 -7.92 -6.30
CA PRO A 446 9.54 -7.33 -7.45
C PRO A 446 9.88 -5.88 -7.71
N TRP A 447 9.92 -5.05 -6.67
CA TRP A 447 10.12 -3.62 -6.89
C TRP A 447 11.54 -3.33 -7.38
N VAL A 448 12.55 -3.96 -6.77
CA VAL A 448 13.92 -3.78 -7.24
C VAL A 448 14.07 -4.29 -8.67
N LEU A 449 13.45 -5.42 -8.98
CA LEU A 449 13.54 -5.94 -10.34
C LEU A 449 12.87 -5.01 -11.34
N LEU A 450 11.71 -4.43 -10.97
CA LEU A 450 11.06 -3.47 -11.86
C LEU A 450 11.93 -2.25 -12.09
N ASN A 451 12.57 -1.75 -11.04
CA ASN A 451 13.45 -0.60 -11.20
C ASN A 451 14.67 -0.95 -12.05
N ALA A 452 15.16 -2.18 -11.94
CA ALA A 452 16.25 -2.61 -12.82
C ALA A 452 15.79 -2.65 -14.27
N SER A 453 14.59 -3.17 -14.52
CA SER A 453 14.04 -3.15 -15.88
C SER A 453 13.92 -1.72 -16.40
N TRP A 454 13.46 -0.78 -15.56
CA TRP A 454 13.37 0.61 -15.95
C TRP A 454 14.73 1.20 -16.29
N PHE A 455 15.74 0.85 -15.49
CA PHE A 455 17.10 1.32 -15.72
C PHE A 455 17.59 0.88 -17.10
N ASN A 456 17.18 -0.31 -17.54
CA ASN A 456 17.61 -0.80 -18.84
C ASN A 456 16.92 -0.08 -19.98
N SER A 457 15.66 0.34 -19.80
CA SER A 457 15.06 1.27 -20.74
C SER A 457 15.88 2.55 -20.84
N PHE A 458 16.44 3.01 -19.72
CA PHE A 458 17.28 4.19 -19.75
C PHE A 458 18.58 3.94 -20.53
N LEU A 459 19.12 2.73 -20.45
CA LEU A 459 20.34 2.43 -21.20
C LEU A 459 20.07 2.32 -22.69
N THR A 460 18.97 1.67 -23.07
CA THR A 460 18.61 1.59 -24.48
C THR A 460 18.44 2.99 -25.08
N HIS A 461 17.62 3.82 -24.46
CA HIS A 461 17.48 5.21 -24.91
C HIS A 461 18.62 6.06 -24.38
#